data_8T8T
#
_entry.id   8T8T
#
_cell.length_a   29.624
_cell.length_b   51.923
_cell.length_c   88.064
_cell.angle_alpha   90.000
_cell.angle_beta   90.000
_cell.angle_gamma   90.000
#
_symmetry.space_group_name_H-M   'P 21 21 21'
#
loop_
_entity.id
_entity.type
_entity.pdbx_description
1 polymer TET25
2 non-polymer 'POTASSIUM ION'
3 non-polymer "4,4'-{pyridine-2,6-diylbis[carbonyl-(1E)-hydrazin-2-yl-1-ylidene-(E)-methanylylidene]}bis(1-methylquinolin-1-ium)"
4 water water
#
_entity_poly.entity_id   1
_entity_poly.type   'polydeoxyribonucleotide'
_entity_poly.pdbx_seq_one_letter_code
;(DG)(DT)(DT)(DG)(DG)(DG)(DG)(DT)(DT)(DG)(DG)(DG)(DG)(DT)(DT)(DG)(DG)(DG)(DG)(DT)
(DT)(DG)(DG)(DG)(DG)
;
_entity_poly.pdbx_strand_id   A,B
#
loop_
_chem_comp.id
_chem_comp.type
_chem_comp.name
_chem_comp.formula
DG DNA linking 2'-DEOXYGUANOSINE-5'-MONOPHOSPHATE 'C10 H14 N5 O7 P'
DT DNA linking THYMIDINE-5'-MONOPHOSPHATE 'C10 H15 N2 O8 P'
K non-polymer 'POTASSIUM ION' 'K 1'
YSQ non-polymer 4,4'-{pyridine-2,6-diylbis[carbonyl-(1E)-hydrazin-2-yl-1-ylidene-(E)-methanylylidene]}bis(1-methylquinolin-1-ium) 'C29 H25 N7 O2 2'
#
# COMPACT_ATOMS: atom_id res chain seq x y z
K K C . -4.71 -16.70 -6.74
K K D . -4.29 -13.39 -8.17
K K E . -2.34 -4.68 -11.68
C13 YSQ F . -1.04 -11.64 -14.53
C17 YSQ F . -3.35 -11.01 -13.94
C20 YSQ F . -6.07 -10.90 -14.51
C21 YSQ F . -5.17 -11.47 -15.43
C22 YSQ F . -3.34 -12.63 -17.26
C28 YSQ F . -4.94 -7.55 -6.78
C02 YSQ F . -0.19 -8.40 -6.30
C03 YSQ F . 1.06 -8.81 -7.09
C04 YSQ F . 2.37 -8.74 -6.55
C05 YSQ F . 3.47 -9.09 -7.36
C06 YSQ F . 3.23 -9.49 -8.68
C07 YSQ F . 1.88 -9.50 -9.12
C08 YSQ F . 1.50 -9.94 -10.54
C11 YSQ F . -1.47 -10.50 -12.29
C12 YSQ F . -1.95 -11.05 -13.63
C14 YSQ F . -1.57 -12.15 -15.71
C16 YSQ F . -3.79 -11.53 -15.10
C18 YSQ F . -4.27 -10.42 -13.00
C19 YSQ F . -5.64 -10.37 -13.31
C27 YSQ F . -3.57 -8.06 -7.21
C29 YSQ F . -6.04 -7.55 -7.68
C30 YSQ F . -7.25 -7.00 -7.23
C31 YSQ F . -8.40 -7.01 -8.10
C32 YSQ F . -8.31 -7.57 -9.41
C33 YSQ F . -7.08 -8.14 -9.87
C34 YSQ F . -5.94 -8.14 -9.02
C36 YSQ F . -6.34 -6.39 -5.12
C37 YSQ F . -5.08 -6.94 -5.50
C38 YSQ F . -8.70 -5.88 -5.59
N09 YSQ F . 0.13 -10.07 -10.78
N10 YSQ F . -0.24 -10.54 -12.05
N15 YSQ F . -2.86 -12.08 -15.98
N24 YSQ F . 0.87 -9.18 -8.35
N25 YSQ F . -1.43 -8.44 -7.01
N26 YSQ F . -2.63 -8.01 -6.39
N35 YSQ F . -7.36 -6.44 -5.97
O01 YSQ F . -0.20 -8.00 -5.17
O23 YSQ F . 2.28 -10.16 -11.41
K K G . 0.49 7.36 17.55
K K H . 1.98 8.10 14.34
K K I . 5.33 10.87 5.64
C13 YSQ J . 3.31 3.71 7.92
C17 YSQ J . 4.94 5.18 9.00
C20 YSQ J . 7.48 5.66 10.03
C21 YSQ J . 7.19 4.40 9.49
C22 YSQ J . 6.59 1.93 8.39
C28 YSQ J . 3.19 13.70 11.48
C02 YSQ J . -0.50 12.10 8.75
C03 YSQ J . -1.18 10.94 8.09
C04 YSQ J . -2.42 11.12 7.45
C05 YSQ J . -3.04 10.02 6.86
C06 YSQ J . -2.38 8.79 6.94
C07 YSQ J . -1.13 8.69 7.63
C08 YSQ J . -0.35 7.35 7.69
C11 YSQ J . 2.73 6.13 8.57
C12 YSQ J . 3.65 4.93 8.49
C14 YSQ J . 4.31 2.74 7.91
C16 YSQ J . 5.88 4.20 8.96
C18 YSQ J . 5.20 6.45 9.54
C19 YSQ J . 6.50 6.67 10.06
C27 YSQ J . 2.39 12.62 10.72
C29 YSQ J . 4.47 13.38 11.99
C30 YSQ J . 5.17 14.34 12.69
C31 YSQ J . 6.48 14.03 13.20
C32 YSQ J . 7.03 12.74 13.01
C33 YSQ J . 6.33 11.75 12.28
C34 YSQ J . 5.05 12.06 11.77
C36 YSQ J . 3.44 15.94 12.44
C37 YSQ J . 2.66 15.00 11.71
C38 YSQ J . 5.45 16.61 13.65
N09 YSQ J . 0.95 7.34 8.18
N10 YSQ J . 1.61 6.08 8.08
N15 YSQ J . 5.53 2.98 8.41
N24 YSQ J . -0.57 9.76 8.16
N25 YSQ J . 0.70 11.83 9.47
N26 YSQ J . 1.37 12.91 10.12
N35 YSQ J . 4.64 15.60 12.90
O01 YSQ J . -0.92 13.23 8.68
O23 YSQ J . -0.78 6.32 7.27
#